data_2I9T
#
_entry.id   2I9T
#
_cell.length_a   97.620
_cell.length_b   166.110
_cell.length_c   60.050
_cell.angle_alpha   90.00
_cell.angle_beta   90.00
_cell.angle_gamma   90.00
#
_symmetry.space_group_name_H-M   'P 21 21 2'
#
loop_
_entity.id
_entity.type
_entity.pdbx_description
1 polymer "5'-D(*AP*GP*TP*GP*GP*GP*AP*AP*AP*TP*TP*CP*CP*TP*CP*TP*G)-3'"
2 polymer "5'-D(*CP*AP*GP*AP*GP*GP*AP*AP*TP*TP*TP*CP*CP*CP*AP*CP*T)-3'"
3 polymer 'Transcription factor p65'
4 polymer 'Nuclear factor NF-kappa-B p105 subunit'
5 water water
#
loop_
_entity_poly.entity_id
_entity_poly.type
_entity_poly.pdbx_seq_one_letter_code
_entity_poly.pdbx_strand_id
1 'polydeoxyribonucleotide' (DA)(DG)(DT)(DG)(DG)(DG)(DA)(DA)(DA)(DT)(DT)(DC)(DC)(DT)(DC)(DT)(DG) C
2 'polydeoxyribonucleotide' (DC)(DA)(DG)(DA)(DG)(DG)(DA)(DA)(DT)(DT)(DT)(DC)(DC)(DC)(DA)(DC)(DT) D
3 'polypeptide(L)'
;GSHMHAPYVEIIEQPKQRGMRFRYKCEGRSAGSIPGERSTDTTKTHPTIKINGYTGPGTVRISLVTKDPPHRPHPHELVG
KDCRDGYYEADLCPDRSIHSFQNLGIQCVKKRDLEQAISQRIQTNNNPFHVPIEEQRGDYDLNAVRLCFQVTVRDPAGRP
LLLTPVLSHPIFDNRAPNTAELKICRVNRNSGSCLGGDEIFLLCDKVQKEDIEVYFTGPGWEARGSFSQADVHRQVAIVF
RTPPYADPSLQAPVRVSMQLRRPSDRELSEPMEFQYLPD
;
A
4 'polypeptide(L)'
;MGPYLQILEQPKQRGFRFRYVCEGPSHGGLPGASSEKNKKSYPQVKICNYVGPAKVIVQLVTNGKNIHLHAHSLVGKHCE
DGVCTVTAGPKDMVVGFANLGILHVTKKKVFETLEARMTEACIRGYNPGLLVHSDLAYLQAEGGGDRQLTDREKEIIRQA
AVQQTKEMDLSVVRLMFTAFLPDSTGSFTRRLEPVVSDAIYDSKAPNASNLKIVRMDRTAGCVTGGEEIYLLCDKVQKDD
IQIRFYEEEENGGVWEGFGDFSPTDVHRQFAIVFKTPKYKDVNITKPASVFVQLRRKSDLETSEPKPFLYYPE
;
B
#
loop_
_chem_comp.id
_chem_comp.type
_chem_comp.name
_chem_comp.formula
DA DNA linking 2'-DEOXYADENOSINE-5'-MONOPHOSPHATE 'C10 H14 N5 O6 P'
DC DNA linking 2'-DEOXYCYTIDINE-5'-MONOPHOSPHATE 'C9 H14 N3 O7 P'
DG DNA linking 2'-DEOXYGUANOSINE-5'-MONOPHOSPHATE 'C10 H14 N5 O7 P'
DT DNA linking THYMIDINE-5'-MONOPHOSPHATE 'C10 H15 N2 O8 P'
#
# COMPACT_ATOMS: atom_id res chain seq x y z
N HIS C 5 -48.96 -26.34 11.54
CA HIS C 5 -47.55 -26.23 11.99
C HIS C 5 -47.06 -24.79 11.79
N ALA C 6 -46.09 -24.36 12.60
CA ALA C 6 -45.55 -23.01 12.50
C ALA C 6 -44.77 -22.84 11.21
N PRO C 7 -45.03 -21.74 10.49
CA PRO C 7 -44.34 -21.43 9.22
C PRO C 7 -42.88 -21.08 9.48
N TYR C 8 -42.02 -21.34 8.50
CA TYR C 8 -40.59 -21.08 8.69
C TYR C 8 -39.85 -20.41 7.55
N VAL C 9 -38.72 -19.80 7.90
CA VAL C 9 -37.86 -19.11 6.94
C VAL C 9 -36.85 -20.08 6.36
N GLU C 10 -36.67 -20.03 5.05
CA GLU C 10 -35.74 -20.91 4.36
C GLU C 10 -34.81 -20.14 3.40
N ILE C 11 -33.51 -20.32 3.59
CA ILE C 11 -32.52 -19.66 2.74
C ILE C 11 -32.32 -20.42 1.45
N ILE C 12 -32.71 -19.83 0.32
CA ILE C 12 -32.52 -20.50 -0.97
C ILE C 12 -31.33 -19.99 -1.78
N GLU C 13 -30.67 -18.95 -1.29
CA GLU C 13 -29.49 -18.45 -1.96
C GLU C 13 -28.55 -17.86 -0.93
N GLN C 14 -27.66 -18.70 -0.41
CA GLN C 14 -26.68 -18.28 0.58
C GLN C 14 -25.85 -17.13 0.06
N PRO C 15 -25.25 -16.36 0.97
CA PRO C 15 -24.42 -15.23 0.55
C PRO C 15 -23.11 -15.91 0.17
N LYS C 16 -22.37 -15.38 -0.79
CA LYS C 16 -21.11 -16.05 -1.16
C LYS C 16 -20.19 -15.91 0.04
N GLN C 17 -19.46 -16.96 0.34
CA GLN C 17 -18.56 -16.96 1.48
C GLN C 17 -17.31 -16.11 1.38
N ARG C 18 -16.72 -16.01 0.20
CA ARG C 18 -15.48 -15.24 0.07
C ARG C 18 -15.40 -14.38 -1.18
N GLY C 19 -14.44 -13.46 -1.18
CA GLY C 19 -14.29 -12.60 -2.33
C GLY C 19 -14.59 -11.14 -2.04
N MET C 20 -15.73 -10.88 -1.45
CA MET C 20 -16.11 -9.51 -1.12
C MET C 20 -15.30 -9.06 0.08
N ARG C 21 -14.95 -7.78 0.11
CA ARG C 21 -14.18 -7.25 1.22
C ARG C 21 -15.03 -6.23 1.97
N PHE C 22 -14.95 -6.27 3.29
CA PHE C 22 -15.70 -5.35 4.12
C PHE C 22 -15.17 -3.95 3.84
N ARG C 23 -16.07 -3.00 3.64
CA ARG C 23 -15.64 -1.65 3.35
C ARG C 23 -15.84 -0.65 4.46
N TYR C 24 -14.86 0.24 4.62
CA TYR C 24 -14.91 1.26 5.63
C TYR C 24 -15.87 2.36 5.23
N LYS C 25 -16.43 3.05 6.21
CA LYS C 25 -17.38 4.12 5.98
C LYS C 25 -16.88 5.09 4.92
N CYS C 26 -15.63 5.55 5.09
CA CYS C 26 -15.02 6.50 4.17
C CYS C 26 -14.99 6.11 2.71
N GLU C 27 -14.99 4.81 2.40
CA GLU C 27 -14.94 4.41 1.01
C GLU C 27 -16.19 4.78 0.24
N GLY C 28 -17.13 5.45 0.89
CA GLY C 28 -18.34 5.88 0.21
C GLY C 28 -19.59 5.03 0.32
N ARG C 29 -20.68 5.56 -0.21
CA ARG C 29 -21.97 4.87 -0.19
C ARG C 29 -22.01 3.75 -1.23
N SER C 30 -21.39 4.01 -2.39
CA SER C 30 -21.36 3.05 -3.47
C SER C 30 -20.33 1.94 -3.25
N ALA C 31 -20.42 1.25 -2.12
CA ALA C 31 -19.50 0.17 -1.81
C ALA C 31 -19.92 -1.13 -2.50
N GLY C 32 -21.22 -1.38 -2.53
CA GLY C 32 -21.71 -2.58 -3.16
C GLY C 32 -22.52 -3.49 -2.25
N SER C 33 -23.14 -4.49 -2.85
CA SER C 33 -23.97 -5.46 -2.15
C SER C 33 -23.22 -6.78 -1.95
N ILE C 34 -23.66 -7.59 -0.99
CA ILE C 34 -23.05 -8.90 -0.77
C ILE C 34 -23.79 -9.85 -1.71
N PRO C 35 -23.04 -10.60 -2.55
CA PRO C 35 -23.60 -11.56 -3.53
C PRO C 35 -23.88 -12.96 -3.02
N GLY C 36 -24.81 -13.62 -3.67
CA GLY C 36 -25.17 -14.99 -3.31
C GLY C 36 -24.11 -15.98 -3.73
N GLU C 37 -23.99 -17.08 -3.00
CA GLU C 37 -23.00 -18.11 -3.29
C GLU C 37 -23.10 -18.62 -4.71
N ARG C 38 -24.32 -18.89 -5.14
CA ARG C 38 -24.58 -19.41 -6.48
C ARG C 38 -24.30 -18.41 -7.59
N SER C 39 -23.91 -17.20 -7.21
CA SER C 39 -23.62 -16.16 -8.21
C SER C 39 -22.39 -16.56 -9.03
N THR C 40 -22.00 -15.70 -9.96
CA THR C 40 -20.84 -15.98 -10.80
C THR C 40 -20.50 -14.74 -11.59
N ASP C 41 -19.60 -14.86 -12.56
CA ASP C 41 -19.23 -13.72 -13.38
C ASP C 41 -20.39 -13.34 -14.30
N THR C 42 -21.07 -14.35 -14.84
CA THR C 42 -22.20 -14.12 -15.71
C THR C 42 -23.44 -13.78 -14.90
N THR C 43 -23.86 -14.71 -14.05
CA THR C 43 -25.04 -14.51 -13.22
C THR C 43 -24.65 -13.74 -11.96
N LYS C 44 -25.51 -12.83 -11.53
CA LYS C 44 -25.25 -12.03 -10.35
C LYS C 44 -26.39 -12.18 -9.34
N THR C 45 -26.27 -13.18 -8.47
CA THR C 45 -27.30 -13.44 -7.47
C THR C 45 -27.19 -12.59 -6.21
N HIS C 46 -28.14 -12.79 -5.30
CA HIS C 46 -28.18 -12.06 -4.05
C HIS C 46 -28.84 -12.94 -2.99
N PRO C 47 -28.51 -12.71 -1.71
CA PRO C 47 -29.11 -13.50 -0.64
C PRO C 47 -30.63 -13.51 -0.84
N THR C 48 -31.23 -14.70 -0.80
CA THR C 48 -32.67 -14.84 -0.99
C THR C 48 -33.30 -15.82 0.00
N ILE C 49 -34.53 -15.55 0.42
CA ILE C 49 -35.23 -16.43 1.36
C ILE C 49 -36.64 -16.77 0.89
N LYS C 50 -37.20 -17.83 1.47
CA LYS C 50 -38.54 -18.28 1.14
C LYS C 50 -39.22 -18.50 2.48
N ILE C 51 -40.41 -17.93 2.62
CA ILE C 51 -41.14 -18.05 3.87
C ILE C 51 -42.22 -19.10 3.72
N ASN C 52 -41.93 -20.13 2.92
CA ASN C 52 -42.88 -21.22 2.67
C ASN C 52 -43.84 -21.45 3.83
N GLY C 53 -45.13 -21.55 3.51
CA GLY C 53 -46.14 -21.75 4.53
C GLY C 53 -46.79 -20.45 4.96
N TYR C 54 -46.73 -19.45 4.09
CA TYR C 54 -47.30 -18.13 4.36
C TYR C 54 -47.00 -17.19 3.20
N THR C 55 -48.01 -16.49 2.72
CA THR C 55 -47.83 -15.56 1.61
C THR C 55 -48.37 -14.16 1.93
N GLY C 56 -49.16 -14.06 3.00
CA GLY C 56 -49.72 -12.77 3.37
C GLY C 56 -48.67 -11.70 3.68
N PRO C 57 -49.07 -10.60 4.33
CA PRO C 57 -48.18 -9.50 4.69
C PRO C 57 -47.24 -9.84 5.85
N GLY C 58 -46.22 -9.00 6.05
CA GLY C 58 -45.27 -9.24 7.11
C GLY C 58 -44.11 -8.26 7.07
N THR C 59 -43.15 -8.46 7.96
CA THR C 59 -41.99 -7.59 8.03
C THR C 59 -40.72 -8.42 8.21
N VAL C 60 -39.61 -7.98 7.60
CA VAL C 60 -38.36 -8.70 7.71
C VAL C 60 -37.16 -7.86 8.18
N ARG C 61 -36.43 -8.42 9.14
CA ARG C 61 -35.25 -7.75 9.65
C ARG C 61 -33.97 -8.59 9.52
N ILE C 62 -32.92 -7.96 9.00
CA ILE C 62 -31.65 -8.65 8.81
C ILE C 62 -30.56 -7.96 9.61
N SER C 63 -29.69 -8.75 10.24
CA SER C 63 -28.60 -8.15 10.99
C SER C 63 -27.37 -9.05 11.02
N LEU C 64 -26.27 -8.55 11.58
CA LEU C 64 -25.03 -9.30 11.66
C LEU C 64 -24.73 -9.87 13.03
N VAL C 65 -24.34 -11.15 13.03
CA VAL C 65 -23.99 -11.86 14.25
C VAL C 65 -22.67 -12.61 14.04
N THR C 66 -21.97 -12.85 15.13
CA THR C 66 -20.71 -13.57 15.12
C THR C 66 -20.84 -14.92 14.39
N LYS C 67 -19.69 -15.45 13.98
CA LYS C 67 -19.66 -16.74 13.28
C LYS C 67 -19.95 -17.90 14.19
N ASP C 68 -19.34 -17.90 15.36
CA ASP C 68 -19.52 -18.98 16.31
C ASP C 68 -20.44 -18.65 17.49
N PRO C 69 -21.13 -19.67 18.03
CA PRO C 69 -22.06 -19.54 19.15
C PRO C 69 -21.35 -19.17 20.45
N PRO C 70 -21.99 -18.35 21.29
CA PRO C 70 -23.33 -17.78 21.09
C PRO C 70 -23.33 -16.65 20.05
N HIS C 71 -24.33 -16.68 19.16
CA HIS C 71 -24.44 -15.71 18.08
C HIS C 71 -24.87 -14.35 18.55
N ARG C 72 -23.89 -13.58 18.98
CA ARG C 72 -24.08 -12.24 19.50
C ARG C 72 -23.87 -11.15 18.43
N PRO C 73 -24.67 -10.08 18.49
CA PRO C 73 -24.59 -8.96 17.55
C PRO C 73 -23.16 -8.54 17.23
N HIS C 74 -22.86 -8.40 15.95
CA HIS C 74 -21.52 -8.04 15.52
C HIS C 74 -21.30 -6.54 15.42
N PRO C 75 -20.09 -6.08 15.75
CA PRO C 75 -19.83 -4.65 15.68
C PRO C 75 -19.93 -4.05 14.28
N HIS C 76 -19.63 -4.83 13.24
CA HIS C 76 -19.75 -4.26 11.88
C HIS C 76 -21.21 -3.89 11.63
N GLU C 77 -21.46 -3.18 10.53
CA GLU C 77 -22.81 -2.74 10.21
C GLU C 77 -23.30 -3.11 8.82
N LEU C 78 -24.61 -3.19 8.66
CA LEU C 78 -25.21 -3.46 7.35
C LEU C 78 -25.69 -2.09 6.91
N VAL C 79 -25.34 -1.68 5.70
CA VAL C 79 -25.74 -0.38 5.19
C VAL C 79 -26.34 -0.60 3.83
N GLY C 80 -27.16 0.34 3.40
CA GLY C 80 -27.81 0.21 2.10
C GLY C 80 -29.26 0.59 2.22
N LYS C 81 -30.04 0.26 1.20
CA LYS C 81 -31.46 0.57 1.19
C LYS C 81 -32.17 -0.01 2.43
N ASP C 82 -32.91 0.86 3.13
CA ASP C 82 -33.67 0.44 4.31
C ASP C 82 -32.87 0.09 5.57
N CYS C 83 -31.57 0.35 5.55
CA CYS C 83 -30.74 0.07 6.70
C CYS C 83 -30.63 1.31 7.59
N ARG C 84 -30.47 1.07 8.89
CA ARG C 84 -30.37 2.12 9.88
C ARG C 84 -29.77 1.51 11.15
N ASP C 85 -29.01 2.30 11.89
CA ASP C 85 -28.38 1.81 13.12
C ASP C 85 -27.73 0.44 12.95
N GLY C 86 -27.22 0.16 11.75
CA GLY C 86 -26.56 -1.11 11.52
C GLY C 86 -27.39 -2.32 11.09
N TYR C 87 -28.71 -2.15 10.96
CA TYR C 87 -29.57 -3.27 10.61
C TYR C 87 -30.52 -2.92 9.49
N TYR C 88 -31.08 -3.96 8.87
CA TYR C 88 -32.04 -3.77 7.78
C TYR C 88 -33.41 -4.19 8.28
N GLU C 89 -34.41 -3.33 8.04
CA GLU C 89 -35.79 -3.64 8.45
C GLU C 89 -36.78 -3.04 7.48
N ALA C 90 -37.56 -3.90 6.83
CA ALA C 90 -38.54 -3.43 5.87
C ALA C 90 -39.68 -4.42 5.80
N ASP C 91 -40.68 -4.12 4.99
CA ASP C 91 -41.83 -4.99 4.85
C ASP C 91 -41.58 -6.01 3.76
N LEU C 92 -42.08 -7.22 3.97
CA LEU C 92 -41.93 -8.28 3.00
C LEU C 92 -42.88 -8.01 1.84
N CYS C 93 -42.36 -7.96 0.62
CA CYS C 93 -43.23 -7.74 -0.54
C CYS C 93 -44.33 -8.82 -0.41
N PRO C 94 -45.60 -8.40 -0.36
CA PRO C 94 -46.73 -9.33 -0.22
C PRO C 94 -47.17 -10.12 -1.47
N ASP C 95 -46.50 -9.88 -2.60
CA ASP C 95 -46.86 -10.58 -3.83
C ASP C 95 -46.32 -12.01 -3.86
N ARG C 96 -45.01 -12.16 -3.69
CA ARG C 96 -44.38 -13.48 -3.71
C ARG C 96 -43.94 -13.91 -2.32
N SER C 97 -43.66 -15.21 -2.17
CA SER C 97 -43.22 -15.73 -0.89
C SER C 97 -41.70 -15.88 -0.90
N ILE C 98 -41.10 -15.60 -2.05
CA ILE C 98 -39.64 -15.67 -2.22
C ILE C 98 -39.10 -14.23 -2.23
N HIS C 99 -38.18 -13.95 -1.31
CA HIS C 99 -37.62 -12.61 -1.19
C HIS C 99 -36.09 -12.61 -1.33
N SER C 100 -35.57 -11.72 -2.16
CA SER C 100 -34.13 -11.60 -2.37
C SER C 100 -33.71 -10.20 -1.92
N PHE C 101 -32.44 -10.02 -1.58
CA PHE C 101 -31.95 -8.74 -1.08
C PHE C 101 -30.67 -8.30 -1.78
N GLN C 102 -30.80 -7.39 -2.74
CA GLN C 102 -29.66 -6.95 -3.53
C GLN C 102 -28.98 -5.65 -3.14
N ASN C 103 -29.26 -5.13 -1.96
CA ASN C 103 -28.64 -3.88 -1.55
C ASN C 103 -28.08 -3.97 -0.15
N LEU C 104 -27.45 -5.10 0.16
CA LEU C 104 -26.87 -5.32 1.48
C LEU C 104 -25.37 -5.08 1.43
N GLY C 105 -24.91 -4.23 2.33
CA GLY C 105 -23.49 -3.93 2.35
C GLY C 105 -22.98 -4.05 3.75
N ILE C 106 -21.75 -4.52 3.88
CA ILE C 106 -21.13 -4.67 5.18
C ILE C 106 -20.15 -3.51 5.37
N GLN C 107 -20.27 -2.79 6.47
CA GLN C 107 -19.39 -1.68 6.76
C GLN C 107 -18.61 -2.00 8.04
N CYS C 108 -17.34 -2.31 7.87
CA CYS C 108 -16.46 -2.63 8.98
C CYS C 108 -16.20 -1.37 9.80
N VAL C 109 -15.81 -1.55 11.05
CA VAL C 109 -15.54 -0.41 11.92
C VAL C 109 -14.05 -0.21 12.16
N LYS C 110 -13.61 1.03 12.28
CA LYS C 110 -12.21 1.29 12.53
C LYS C 110 -11.91 0.56 13.83
N LYS C 111 -10.83 -0.21 13.85
CA LYS C 111 -10.47 -0.96 15.05
C LYS C 111 -10.63 -0.08 16.29
N ARG C 112 -10.36 1.21 16.11
CA ARG C 112 -10.48 2.17 17.21
C ARG C 112 -11.89 2.17 17.78
N ASP C 113 -12.79 2.85 17.08
CA ASP C 113 -14.19 3.01 17.48
C ASP C 113 -14.97 1.70 17.62
N LEU C 114 -14.39 0.72 18.32
CA LEU C 114 -15.05 -0.57 18.52
C LEU C 114 -15.93 -0.57 19.78
N GLU C 115 -15.37 -0.06 20.88
CA GLU C 115 -16.10 -0.02 22.14
C GLU C 115 -17.48 0.57 21.96
N GLN C 116 -17.57 1.67 21.21
CA GLN C 116 -18.86 2.31 20.99
C GLN C 116 -19.69 1.48 20.02
N ALA C 117 -19.02 0.67 19.21
CA ALA C 117 -19.70 -0.16 18.23
C ALA C 117 -20.57 -1.20 18.94
N ILE C 118 -20.02 -1.85 19.96
CA ILE C 118 -20.77 -2.85 20.71
C ILE C 118 -21.88 -2.12 21.49
N SER C 119 -21.62 -0.86 21.77
CA SER C 119 -22.56 -0.02 22.51
C SER C 119 -23.84 0.21 21.73
N GLN C 120 -23.70 0.65 20.48
CA GLN C 120 -24.87 0.90 19.65
C GLN C 120 -25.72 -0.35 19.49
N ARG C 121 -25.09 -1.51 19.36
CA ARG C 121 -25.81 -2.78 19.23
C ARG C 121 -26.66 -2.90 20.48
N ILE C 122 -26.01 -2.81 21.64
CA ILE C 122 -26.73 -2.89 22.89
C ILE C 122 -27.89 -1.88 22.90
N GLN C 123 -27.55 -0.61 23.11
CA GLN C 123 -28.52 0.49 23.18
C GLN C 123 -29.64 0.48 22.16
N THR C 124 -29.46 -0.29 21.08
CA THR C 124 -30.49 -0.35 20.05
C THR C 124 -31.27 -1.65 20.16
N ASN C 125 -30.89 -2.47 21.12
CA ASN C 125 -31.56 -3.74 21.35
C ASN C 125 -31.70 -4.52 20.06
N ASN C 126 -30.60 -5.07 19.56
CA ASN C 126 -30.64 -5.85 18.34
C ASN C 126 -30.77 -7.32 18.70
N ASN C 127 -29.87 -7.75 19.57
CA ASN C 127 -29.80 -9.11 20.06
C ASN C 127 -30.84 -10.11 19.54
N PRO C 128 -30.65 -10.60 18.31
CA PRO C 128 -31.57 -11.56 17.70
C PRO C 128 -31.71 -12.83 18.53
N PHE C 129 -30.63 -13.22 19.20
CA PHE C 129 -30.64 -14.44 20.01
C PHE C 129 -30.67 -14.18 21.51
N HIS C 130 -31.02 -12.96 21.88
CA HIS C 130 -31.10 -12.58 23.28
C HIS C 130 -30.00 -13.14 24.13
N VAL C 131 -28.76 -13.06 23.66
CA VAL C 131 -27.65 -13.56 24.44
C VAL C 131 -27.50 -12.63 25.62
N PRO C 132 -27.32 -13.18 26.83
CA PRO C 132 -27.18 -12.34 28.02
C PRO C 132 -26.13 -11.26 27.79
N ILE C 133 -26.26 -10.15 28.50
CA ILE C 133 -25.32 -9.04 28.36
C ILE C 133 -23.89 -9.36 28.71
N GLU C 134 -23.69 -10.19 29.72
CA GLU C 134 -22.34 -10.56 30.13
C GLU C 134 -21.58 -11.25 29.00
N GLU C 135 -22.32 -11.84 28.07
CA GLU C 135 -21.72 -12.55 26.93
C GLU C 135 -21.16 -11.62 25.86
N GLN C 136 -21.82 -10.50 25.63
CA GLN C 136 -21.33 -9.58 24.60
C GLN C 136 -20.44 -8.45 25.08
N ARG C 137 -19.23 -8.81 25.48
CA ARG C 137 -18.23 -7.85 25.97
C ARG C 137 -16.85 -8.27 25.47
N GLY C 138 -16.66 -9.59 25.33
CA GLY C 138 -15.38 -10.14 24.88
C GLY C 138 -14.89 -9.63 23.54
N ASP C 139 -13.89 -10.32 23.00
CA ASP C 139 -13.34 -9.91 21.71
C ASP C 139 -14.22 -10.35 20.55
N TYR C 140 -13.99 -9.74 19.40
CA TYR C 140 -14.77 -10.04 18.21
C TYR C 140 -13.89 -10.29 17.00
N ASP C 141 -14.18 -11.36 16.28
CA ASP C 141 -13.43 -11.65 15.06
C ASP C 141 -13.93 -10.66 14.03
N LEU C 142 -13.13 -9.65 13.72
CA LEU C 142 -13.53 -8.65 12.74
C LEU C 142 -13.45 -9.07 11.29
N ASN C 143 -13.31 -10.38 11.03
CA ASN C 143 -13.23 -10.85 9.65
C ASN C 143 -14.31 -11.89 9.32
N ALA C 144 -15.14 -12.21 10.31
CA ALA C 144 -16.19 -13.19 10.09
C ALA C 144 -17.53 -12.73 10.65
N VAL C 145 -18.57 -12.84 9.83
CA VAL C 145 -19.90 -12.45 10.26
C VAL C 145 -20.89 -13.35 9.56
N ARG C 146 -22.12 -13.40 10.08
CA ARG C 146 -23.17 -14.21 9.47
C ARG C 146 -24.44 -13.38 9.43
N LEU C 147 -25.24 -13.59 8.39
CA LEU C 147 -26.51 -12.89 8.24
C LEU C 147 -27.57 -13.62 9.05
N CYS C 148 -28.47 -12.86 9.66
CA CYS C 148 -29.56 -13.41 10.47
C CYS C 148 -30.93 -12.82 10.09
N PHE C 149 -31.82 -13.66 9.61
CA PHE C 149 -33.15 -13.18 9.21
C PHE C 149 -34.21 -13.40 10.27
N GLN C 150 -34.71 -12.30 10.81
CA GLN C 150 -35.77 -12.34 11.81
C GLN C 150 -37.01 -11.87 11.06
N VAL C 151 -37.79 -12.81 10.53
CA VAL C 151 -39.00 -12.46 9.78
C VAL C 151 -40.22 -12.45 10.69
N THR C 152 -41.22 -11.67 10.31
CA THR C 152 -42.44 -11.54 11.10
C THR C 152 -43.70 -11.51 10.25
N VAL C 153 -44.53 -12.54 10.43
CA VAL C 153 -45.78 -12.67 9.71
C VAL C 153 -46.94 -12.48 10.69
N ARG C 154 -48.10 -13.00 10.32
CA ARG C 154 -49.29 -12.89 11.16
C ARG C 154 -49.98 -14.23 11.30
N ASP C 155 -50.53 -14.48 12.49
CA ASP C 155 -51.26 -15.72 12.76
C ASP C 155 -52.69 -15.61 12.20
N PRO C 156 -53.45 -16.73 12.17
CA PRO C 156 -54.81 -16.64 11.63
C PRO C 156 -55.64 -15.53 12.29
N ALA C 157 -55.50 -15.40 13.60
CA ALA C 157 -56.22 -14.40 14.36
C ALA C 157 -55.86 -12.99 13.93
N GLY C 158 -54.85 -12.87 13.07
CA GLY C 158 -54.43 -11.56 12.59
C GLY C 158 -53.37 -10.89 13.47
N ARG C 159 -52.82 -11.64 14.41
CA ARG C 159 -51.79 -11.12 15.30
C ARG C 159 -50.41 -11.42 14.71
N PRO C 160 -49.41 -10.56 15.00
CA PRO C 160 -48.06 -10.77 14.47
C PRO C 160 -47.26 -11.90 15.13
N LEU C 161 -46.97 -12.94 14.35
CA LEU C 161 -46.21 -14.09 14.83
C LEU C 161 -44.80 -14.08 14.25
N LEU C 162 -43.81 -13.76 15.08
CA LEU C 162 -42.44 -13.72 14.60
C LEU C 162 -41.87 -15.12 14.56
N LEU C 163 -41.34 -15.52 13.41
CA LEU C 163 -40.77 -16.84 13.26
C LEU C 163 -39.40 -16.99 13.90
N THR C 164 -38.86 -18.18 13.80
CA THR C 164 -37.55 -18.48 14.37
C THR C 164 -36.50 -17.82 13.50
N PRO C 165 -35.48 -17.20 14.11
CA PRO C 165 -34.45 -16.56 13.30
C PRO C 165 -33.54 -17.59 12.66
N VAL C 166 -33.09 -17.32 11.44
CA VAL C 166 -32.21 -18.25 10.74
C VAL C 166 -30.87 -17.60 10.47
N LEU C 167 -29.82 -18.43 10.49
CA LEU C 167 -28.46 -17.99 10.24
C LEU C 167 -27.99 -18.53 8.90
N SER C 168 -27.28 -17.69 8.16
CA SER C 168 -26.76 -18.09 6.87
C SER C 168 -25.31 -18.50 7.04
N HIS C 169 -24.71 -18.99 5.97
CA HIS C 169 -23.32 -19.38 5.97
C HIS C 169 -22.50 -18.15 6.32
N PRO C 170 -21.29 -18.35 6.82
CA PRO C 170 -20.39 -17.26 7.20
C PRO C 170 -19.93 -16.43 6.00
N ILE C 171 -19.61 -15.16 6.26
CA ILE C 171 -19.12 -14.25 5.23
C ILE C 171 -17.78 -13.68 5.70
N PHE C 172 -16.70 -14.12 5.04
CA PHE C 172 -15.33 -13.72 5.37
C PHE C 172 -14.79 -12.52 4.63
N ASP C 173 -14.24 -11.57 5.39
CA ASP C 173 -13.69 -10.36 4.79
C ASP C 173 -12.46 -10.67 3.95
N ASN C 174 -12.52 -10.30 2.68
CA ASN C 174 -11.42 -10.53 1.76
C ASN C 174 -10.14 -9.77 2.07
N ARG C 175 -10.23 -8.65 2.78
CA ARG C 175 -9.05 -7.85 3.14
C ARG C 175 -8.16 -8.48 4.20
N ALA C 176 -8.40 -9.75 4.50
CA ALA C 176 -7.61 -10.49 5.49
C ALA C 176 -7.12 -11.77 4.79
N PRO C 177 -5.81 -11.85 4.52
CA PRO C 177 -5.14 -12.97 3.85
C PRO C 177 -5.47 -14.38 4.30
N ASN C 178 -5.63 -14.57 5.61
CA ASN C 178 -5.93 -15.89 6.15
C ASN C 178 -7.42 -16.24 6.06
N THR C 179 -8.25 -15.24 5.82
CA THR C 179 -9.70 -15.44 5.70
C THR C 179 -10.17 -15.14 4.27
N ALA C 180 -9.24 -14.70 3.44
CA ALA C 180 -9.53 -14.32 2.06
C ALA C 180 -9.60 -15.46 1.06
N GLU C 181 -10.01 -15.08 -0.14
CA GLU C 181 -10.16 -15.99 -1.27
C GLU C 181 -8.82 -16.41 -1.82
N LEU C 182 -8.67 -17.67 -2.20
CA LEU C 182 -7.40 -18.15 -2.77
C LEU C 182 -7.55 -18.07 -4.28
N LYS C 183 -6.49 -17.66 -4.96
CA LYS C 183 -6.58 -17.54 -6.39
C LYS C 183 -5.24 -17.56 -7.09
N ILE C 184 -5.13 -18.46 -8.04
CA ILE C 184 -3.94 -18.60 -8.87
C ILE C 184 -4.19 -17.67 -10.04
N CYS C 185 -3.38 -16.63 -10.16
CA CYS C 185 -3.55 -15.68 -11.25
C CYS C 185 -2.89 -16.08 -12.56
N ARG C 186 -1.66 -16.57 -12.49
CA ARG C 186 -0.95 -16.96 -13.69
C ARG C 186 0.20 -17.87 -13.30
N VAL C 187 0.69 -18.65 -14.26
CA VAL C 187 1.81 -19.59 -14.05
C VAL C 187 2.77 -19.51 -15.25
N ASN C 188 4.07 -19.59 -14.98
CA ASN C 188 5.06 -19.49 -16.05
C ASN C 188 5.22 -20.75 -16.88
N ARG C 189 4.62 -21.83 -16.41
CA ARG C 189 4.64 -23.11 -17.11
C ARG C 189 3.53 -23.98 -16.54
N ASN C 190 2.93 -24.82 -17.37
CA ASN C 190 1.86 -25.70 -16.93
C ASN C 190 1.97 -27.10 -17.55
N SER C 191 3.19 -27.58 -17.73
CA SER C 191 3.42 -28.87 -18.36
C SER C 191 4.16 -29.90 -17.51
N GLY C 192 5.47 -29.74 -17.33
CA GLY C 192 6.23 -30.68 -16.52
C GLY C 192 6.07 -32.15 -16.88
N SER C 193 7.09 -32.95 -16.57
CA SER C 193 7.04 -34.38 -16.89
C SER C 193 6.37 -35.21 -15.80
N CYS C 194 6.01 -36.44 -16.15
CA CYS C 194 5.34 -37.33 -15.22
C CYS C 194 6.26 -37.88 -14.13
N LEU C 195 7.49 -37.37 -14.06
CA LEU C 195 8.43 -37.81 -13.05
C LEU C 195 8.70 -36.69 -12.07
N GLY C 196 8.00 -35.58 -12.25
CA GLY C 196 8.14 -34.43 -11.36
C GLY C 196 9.53 -33.86 -11.19
N GLY C 197 9.62 -32.66 -10.63
CA GLY C 197 10.91 -32.04 -10.45
C GLY C 197 10.96 -30.67 -11.10
N ASP C 198 10.07 -30.45 -12.07
CA ASP C 198 9.98 -29.19 -12.78
C ASP C 198 9.69 -28.02 -11.82
N GLU C 199 10.34 -26.89 -12.05
CA GLU C 199 10.13 -25.72 -11.20
C GLU C 199 9.05 -24.82 -11.79
N ILE C 200 8.28 -24.16 -10.92
CA ILE C 200 7.22 -23.30 -11.38
C ILE C 200 7.17 -22.02 -10.59
N PHE C 201 6.85 -20.94 -11.29
CA PHE C 201 6.69 -19.64 -10.67
C PHE C 201 5.17 -19.46 -10.74
N LEU C 202 4.52 -19.39 -9.58
CA LEU C 202 3.07 -19.21 -9.55
C LEU C 202 2.74 -17.85 -8.94
N LEU C 203 1.93 -17.06 -9.64
CA LEU C 203 1.52 -15.74 -9.15
C LEU C 203 0.11 -15.89 -8.62
N CYS C 204 -0.13 -15.37 -7.42
CA CYS C 204 -1.43 -15.48 -6.80
C CYS C 204 -1.77 -14.24 -6.00
N ASP C 205 -2.93 -14.26 -5.38
CA ASP C 205 -3.34 -13.14 -4.52
C ASP C 205 -2.64 -13.32 -3.17
N LYS C 206 -2.72 -12.31 -2.31
CA LYS C 206 -2.10 -12.34 -0.99
C LYS C 206 -2.32 -13.64 -0.23
N VAL C 207 -1.23 -14.30 0.13
CA VAL C 207 -1.32 -15.51 0.92
C VAL C 207 -0.37 -15.31 2.10
N GLN C 208 -0.03 -16.39 2.80
CA GLN C 208 0.92 -16.30 3.92
C GLN C 208 1.84 -17.52 3.92
N LYS C 209 3.15 -17.26 3.96
CA LYS C 209 4.11 -18.35 3.89
C LYS C 209 3.93 -19.44 4.92
N GLU C 210 3.48 -19.07 6.11
CA GLU C 210 3.26 -20.06 7.17
C GLU C 210 2.03 -20.91 6.92
N ASP C 211 1.07 -20.37 6.18
CA ASP C 211 -0.18 -21.08 5.95
C ASP C 211 -0.59 -21.25 4.49
N ILE C 212 0.22 -21.91 3.69
CA ILE C 212 -0.13 -22.08 2.28
C ILE C 212 0.57 -23.30 1.67
N GLU C 213 -0.02 -23.83 0.61
CA GLU C 213 0.56 -24.97 -0.08
C GLU C 213 -0.07 -25.12 -1.46
N VAL C 214 0.57 -25.91 -2.31
CA VAL C 214 0.08 -26.15 -3.66
C VAL C 214 -0.37 -27.60 -3.75
N TYR C 215 -1.67 -27.79 -3.85
CA TYR C 215 -2.27 -29.11 -3.89
C TYR C 215 -2.52 -29.67 -5.28
N PHE C 216 -1.84 -30.77 -5.60
CA PHE C 216 -2.00 -31.43 -6.90
C PHE C 216 -2.94 -32.61 -6.78
N THR C 217 -3.91 -32.68 -7.69
CA THR C 217 -4.91 -33.74 -7.64
C THR C 217 -5.22 -34.38 -8.98
N GLY C 218 -5.97 -35.48 -8.90
CA GLY C 218 -6.39 -36.24 -10.06
C GLY C 218 -6.89 -37.57 -9.51
N PRO C 219 -7.89 -38.21 -10.13
CA PRO C 219 -8.42 -39.49 -9.64
C PRO C 219 -7.37 -40.46 -9.12
N GLY C 220 -7.55 -40.93 -7.90
CA GLY C 220 -6.61 -41.87 -7.33
C GLY C 220 -5.22 -41.30 -7.12
N TRP C 221 -5.11 -39.98 -7.19
CA TRP C 221 -3.80 -39.35 -6.99
C TRP C 221 -3.89 -37.99 -6.27
N GLU C 222 -3.03 -37.81 -5.29
CA GLU C 222 -2.97 -36.56 -4.54
C GLU C 222 -1.52 -36.32 -4.17
N ALA C 223 -1.04 -35.09 -4.33
CA ALA C 223 0.35 -34.75 -4.03
C ALA C 223 0.50 -33.24 -3.86
N ARG C 224 1.63 -32.84 -3.30
CA ARG C 224 1.89 -31.44 -3.05
C ARG C 224 3.14 -30.90 -3.70
N GLY C 225 3.14 -29.60 -3.94
CA GLY C 225 4.30 -28.97 -4.53
C GLY C 225 5.32 -28.89 -3.41
N SER C 226 6.60 -28.85 -3.77
CA SER C 226 7.64 -28.77 -2.78
C SER C 226 8.21 -27.37 -2.85
N PHE C 227 8.23 -26.67 -1.73
CA PHE C 227 8.78 -25.32 -1.69
C PHE C 227 8.95 -24.95 -0.25
N SER C 228 9.67 -23.87 0.01
CA SER C 228 9.90 -23.44 1.37
C SER C 228 9.40 -22.04 1.60
N GLN C 229 9.21 -21.66 2.85
CA GLN C 229 8.69 -20.33 3.17
C GLN C 229 9.44 -19.21 2.46
N ALA C 230 10.75 -19.38 2.28
CA ALA C 230 11.56 -18.35 1.62
C ALA C 230 11.20 -18.21 0.14
N ASP C 231 10.62 -19.27 -0.42
CA ASP C 231 10.20 -19.28 -1.81
C ASP C 231 8.90 -18.51 -2.07
N VAL C 232 8.30 -17.99 -1.00
CA VAL C 232 7.08 -17.21 -1.14
C VAL C 232 7.46 -15.75 -1.28
N HIS C 233 7.31 -15.21 -2.47
CA HIS C 233 7.75 -13.85 -2.78
C HIS C 233 6.66 -12.83 -2.49
N ARG C 234 6.91 -12.04 -1.43
CA ARG C 234 6.04 -10.94 -1.05
C ARG C 234 4.56 -11.25 -0.95
N GLN C 235 4.23 -12.45 -0.48
CA GLN C 235 2.85 -12.88 -0.33
C GLN C 235 2.05 -12.97 -1.62
N VAL C 236 2.66 -12.63 -2.76
CA VAL C 236 1.96 -12.64 -4.03
C VAL C 236 2.52 -13.61 -5.07
N ALA C 237 3.57 -14.33 -4.72
CA ALA C 237 4.16 -15.26 -5.65
C ALA C 237 4.89 -16.39 -4.95
N ILE C 238 4.74 -17.58 -5.51
CA ILE C 238 5.35 -18.78 -4.98
C ILE C 238 6.13 -19.51 -6.07
N VAL C 239 7.35 -19.95 -5.74
CA VAL C 239 8.16 -20.71 -6.69
C VAL C 239 8.29 -22.08 -6.05
N PHE C 240 7.80 -23.11 -6.73
CA PHE C 240 7.87 -24.47 -6.21
C PHE C 240 8.25 -25.52 -7.26
N ARG C 241 8.43 -26.76 -6.80
CA ARG C 241 8.80 -27.88 -7.67
C ARG C 241 7.66 -28.87 -7.80
N THR C 242 7.33 -29.28 -9.04
CA THR C 242 6.24 -30.22 -9.27
C THR C 242 6.54 -31.57 -8.65
N PRO C 243 5.50 -32.26 -8.20
CA PRO C 243 5.68 -33.57 -7.57
C PRO C 243 5.63 -34.69 -8.60
N PRO C 244 6.12 -35.88 -8.23
CA PRO C 244 6.10 -37.03 -9.15
C PRO C 244 4.67 -37.49 -9.27
N TYR C 245 4.27 -37.91 -10.46
CA TYR C 245 2.92 -38.34 -10.71
C TYR C 245 2.77 -39.83 -10.48
N ALA C 246 1.54 -40.31 -10.51
CA ALA C 246 1.24 -41.73 -10.32
C ALA C 246 1.98 -42.63 -11.29
N ASP C 247 1.62 -42.56 -12.58
CA ASP C 247 2.25 -43.40 -13.59
C ASP C 247 3.62 -42.89 -14.03
N PRO C 248 4.70 -43.63 -13.69
CA PRO C 248 6.08 -43.27 -14.05
C PRO C 248 6.30 -43.34 -15.55
N SER C 249 5.56 -44.24 -16.20
CA SER C 249 5.62 -44.41 -17.65
C SER C 249 4.28 -43.91 -18.20
N LEU C 250 3.86 -42.75 -17.71
CA LEU C 250 2.60 -42.13 -18.08
C LEU C 250 2.47 -41.70 -19.54
N GLN C 251 2.95 -42.52 -20.46
CA GLN C 251 2.85 -42.17 -21.88
C GLN C 251 1.43 -41.74 -22.23
N ALA C 252 1.32 -40.69 -23.04
CA ALA C 252 0.06 -40.08 -23.45
C ALA C 252 -0.26 -39.03 -22.38
N PRO C 253 -0.32 -37.76 -22.77
CA PRO C 253 -0.61 -36.66 -21.84
C PRO C 253 -1.74 -36.94 -20.86
N VAL C 254 -1.49 -36.66 -19.59
CA VAL C 254 -2.50 -36.85 -18.56
C VAL C 254 -2.72 -35.49 -17.89
N ARG C 255 -3.96 -35.01 -17.92
CA ARG C 255 -4.29 -33.72 -17.33
C ARG C 255 -4.88 -33.79 -15.93
N VAL C 256 -4.14 -33.23 -14.97
CA VAL C 256 -4.55 -33.22 -13.57
C VAL C 256 -4.97 -31.83 -13.14
N SER C 257 -5.30 -31.68 -11.86
CA SER C 257 -5.71 -30.40 -11.30
C SER C 257 -4.66 -29.90 -10.32
N MET C 258 -4.45 -28.60 -10.32
CA MET C 258 -3.48 -27.96 -9.46
C MET C 258 -4.18 -26.78 -8.81
N GLN C 259 -4.16 -26.74 -7.48
CA GLN C 259 -4.80 -25.65 -6.76
C GLN C 259 -4.07 -25.22 -5.50
N LEU C 260 -4.34 -23.99 -5.07
CA LEU C 260 -3.76 -23.43 -3.85
C LEU C 260 -4.57 -23.94 -2.67
N ARG C 261 -3.89 -24.26 -1.58
CA ARG C 261 -4.55 -24.78 -0.39
C ARG C 261 -4.01 -24.15 0.89
N ARG C 262 -4.91 -23.78 1.78
CA ARG C 262 -4.55 -23.17 3.06
C ARG C 262 -4.88 -24.16 4.18
N PRO C 263 -3.85 -24.66 4.87
CA PRO C 263 -4.07 -25.61 5.96
C PRO C 263 -5.10 -25.19 7.00
N SER C 264 -4.84 -24.08 7.67
CA SER C 264 -5.73 -23.56 8.71
C SER C 264 -7.23 -23.65 8.40
N ASP C 265 -7.65 -23.33 7.18
CA ASP C 265 -9.06 -23.35 6.81
C ASP C 265 -9.39 -24.58 5.98
N ARG C 266 -8.36 -25.22 5.45
CA ARG C 266 -8.57 -26.38 4.58
C ARG C 266 -9.23 -25.87 3.29
N GLU C 267 -9.14 -24.56 3.07
CA GLU C 267 -9.72 -23.95 1.90
C GLU C 267 -8.86 -24.14 0.64
N LEU C 268 -9.55 -24.21 -0.50
CA LEU C 268 -8.91 -24.42 -1.78
C LEU C 268 -9.41 -23.37 -2.78
N SER C 269 -8.60 -23.11 -3.80
CA SER C 269 -8.95 -22.16 -4.83
C SER C 269 -9.54 -22.95 -6.00
N GLU C 270 -10.06 -22.26 -7.00
CA GLU C 270 -10.58 -22.97 -8.16
C GLU C 270 -9.33 -23.59 -8.84
N PRO C 271 -9.47 -24.79 -9.43
CA PRO C 271 -8.38 -25.50 -10.10
C PRO C 271 -7.72 -24.69 -11.20
N MET C 272 -6.49 -25.04 -11.55
CA MET C 272 -5.77 -24.34 -12.60
C MET C 272 -5.66 -25.17 -13.87
N GLU C 273 -5.44 -26.47 -13.72
CA GLU C 273 -5.28 -27.38 -14.87
C GLU C 273 -3.81 -27.45 -15.18
N PHE C 274 -3.30 -28.67 -15.30
CA PHE C 274 -1.90 -28.90 -15.57
C PHE C 274 -1.83 -30.27 -16.23
N GLN C 275 -0.81 -30.50 -17.06
CA GLN C 275 -0.67 -31.78 -17.75
C GLN C 275 0.65 -32.45 -17.50
N TYR C 276 0.62 -33.67 -17.00
CA TYR C 276 1.85 -34.43 -16.79
C TYR C 276 2.10 -35.14 -18.12
N LEU C 277 3.27 -34.91 -18.71
CA LEU C 277 3.59 -35.52 -19.99
C LEU C 277 4.69 -36.56 -19.85
N PRO C 278 4.66 -37.62 -20.68
CA PRO C 278 5.65 -38.70 -20.65
C PRO C 278 7.12 -38.31 -20.72
N ASP C 279 7.96 -39.11 -20.07
CA ASP C 279 9.42 -38.92 -20.01
C ASP C 279 9.92 -38.06 -18.84
N GLY D 2 34.83 38.10 0.18
CA GLY D 2 33.42 38.22 0.71
C GLY D 2 32.87 36.97 1.38
N PRO D 3 32.22 37.09 2.55
CA PRO D 3 31.65 35.96 3.29
C PRO D 3 30.59 35.18 2.54
N TYR D 4 30.66 33.85 2.58
CA TYR D 4 29.66 33.03 1.91
C TYR D 4 29.60 31.63 2.51
N LEU D 5 28.41 31.03 2.47
CA LEU D 5 28.17 29.70 3.04
C LEU D 5 28.50 28.67 2.00
N GLN D 6 29.13 27.58 2.43
CA GLN D 6 29.50 26.52 1.51
C GLN D 6 29.13 25.15 2.06
N ILE D 7 28.58 24.30 1.20
CA ILE D 7 28.20 22.96 1.57
C ILE D 7 29.36 22.02 1.39
N LEU D 8 29.89 21.53 2.52
CA LEU D 8 31.01 20.59 2.54
C LEU D 8 30.49 19.22 2.14
N GLU D 9 29.50 18.70 2.86
CA GLU D 9 28.93 17.41 2.50
C GLU D 9 27.43 17.53 2.27
N GLN D 10 26.98 17.11 1.10
CA GLN D 10 25.58 17.15 0.75
C GLN D 10 24.84 16.09 1.54
N PRO D 11 23.50 16.22 1.61
CA PRO D 11 22.64 15.26 2.30
C PRO D 11 22.80 13.99 1.45
N LYS D 12 22.44 12.84 1.99
CA LYS D 12 22.58 11.62 1.21
C LYS D 12 21.86 11.75 -0.11
N GLN D 13 20.52 11.75 -0.07
CA GLN D 13 19.67 11.88 -1.26
C GLN D 13 18.68 10.73 -1.46
N ARG D 14 19.14 9.48 -1.33
CA ARG D 14 18.26 8.31 -1.44
C ARG D 14 18.54 7.31 -0.33
N GLY D 15 17.49 6.59 0.08
CA GLY D 15 17.62 5.59 1.12
C GLY D 15 17.30 6.02 2.54
N PHE D 16 16.69 7.19 2.69
CA PHE D 16 16.33 7.65 4.02
C PHE D 16 14.83 7.83 4.06
N ARG D 17 14.15 7.11 4.97
CA ARG D 17 12.70 7.20 5.06
C ARG D 17 12.20 8.31 6.03
N PHE D 18 11.19 9.06 5.60
CA PHE D 18 10.62 10.12 6.42
C PHE D 18 9.73 9.43 7.44
N ARG D 19 9.47 10.11 8.55
CA ARG D 19 8.66 9.51 9.59
C ARG D 19 7.55 10.40 10.13
N TYR D 20 6.35 9.81 10.21
CA TYR D 20 5.19 10.54 10.72
C TYR D 20 5.25 10.76 12.24
N VAL D 21 4.55 11.78 12.72
CA VAL D 21 4.56 12.05 14.15
C VAL D 21 4.21 10.76 14.91
N CYS D 22 3.18 10.05 14.45
CA CYS D 22 2.73 8.82 15.08
C CYS D 22 3.78 7.73 15.23
N GLU D 23 4.81 7.76 14.39
CA GLU D 23 5.87 6.75 14.43
C GLU D 23 6.89 7.05 15.53
N GLY D 24 6.81 8.26 16.08
CA GLY D 24 7.76 8.63 17.10
C GLY D 24 9.13 8.84 16.51
N PRO D 25 10.13 9.18 17.33
CA PRO D 25 11.49 9.41 16.83
C PRO D 25 12.32 8.15 16.99
N SER D 26 13.63 8.34 17.06
CA SER D 26 14.59 7.27 17.22
C SER D 26 14.58 6.19 16.13
N HIS D 27 14.28 6.59 14.90
CA HIS D 27 14.27 5.64 13.79
C HIS D 27 15.44 5.85 12.83
N GLY D 28 16.17 6.96 12.99
CA GLY D 28 17.30 7.22 12.11
C GLY D 28 17.53 8.69 11.77
N GLY D 29 18.78 9.05 11.48
CA GLY D 29 19.10 10.43 11.15
C GLY D 29 19.58 10.55 9.72
N LEU D 30 19.37 11.71 9.09
CA LEU D 30 19.80 11.91 7.71
C LEU D 30 21.32 11.84 7.60
N PRO D 31 21.84 10.92 6.77
CA PRO D 31 23.27 10.72 6.55
C PRO D 31 23.86 11.60 5.43
N GLY D 32 25.16 11.89 5.54
CA GLY D 32 25.82 12.70 4.53
C GLY D 32 25.96 11.89 3.26
N ALA D 33 26.16 12.58 2.13
CA ALA D 33 26.28 11.90 0.85
C ALA D 33 27.45 10.92 0.83
N SER D 34 28.29 10.98 1.84
CA SER D 34 29.47 10.12 1.92
C SER D 34 29.35 8.93 2.85
N SER D 35 28.19 8.77 3.48
CA SER D 35 27.96 7.67 4.41
C SER D 35 28.66 6.37 3.98
N GLU D 36 29.25 5.68 4.94
CA GLU D 36 29.97 4.44 4.64
C GLU D 36 29.57 3.26 5.54
N LYS D 37 30.26 2.15 5.34
CA LYS D 37 30.02 0.91 6.08
C LYS D 37 29.97 1.16 7.59
N ASN D 38 31.13 1.06 8.24
CA ASN D 38 31.21 1.27 9.68
C ASN D 38 31.19 2.76 9.97
N LYS D 39 31.69 3.55 9.01
CA LYS D 39 31.74 5.00 9.15
C LYS D 39 30.49 5.68 8.63
N LYS D 40 30.01 6.67 9.38
CA LYS D 40 28.82 7.42 9.02
C LYS D 40 29.17 8.88 8.84
N SER D 41 28.60 9.51 7.81
CA SER D 41 28.85 10.92 7.56
C SER D 41 27.55 11.68 7.78
N TYR D 42 27.53 12.96 7.43
CA TYR D 42 26.34 13.76 7.65
C TYR D 42 26.47 15.13 6.95
N PRO D 43 25.35 15.85 6.81
CA PRO D 43 25.39 17.16 6.15
C PRO D 43 26.42 18.06 6.81
N GLN D 44 27.19 18.77 5.99
CA GLN D 44 28.24 19.63 6.53
C GLN D 44 28.40 20.94 5.77
N VAL D 45 28.47 22.05 6.50
CA VAL D 45 28.65 23.37 5.89
C VAL D 45 29.89 24.09 6.46
N LYS D 46 30.23 25.23 5.88
CA LYS D 46 31.40 26.00 6.29
C LYS D 46 31.22 27.45 5.89
N ILE D 47 31.48 28.37 6.82
CA ILE D 47 31.36 29.80 6.53
C ILE D 47 32.72 30.30 6.06
N CYS D 48 32.78 30.80 4.83
CA CYS D 48 34.02 31.29 4.26
C CYS D 48 34.28 32.75 4.53
N ASN D 49 35.56 33.10 4.69
CA ASN D 49 35.98 34.46 5.00
C ASN D 49 35.16 34.79 6.24
N TYR D 50 35.16 33.80 7.13
CA TYR D 50 34.43 33.81 8.39
C TYR D 50 34.25 35.15 9.08
N VAL D 51 33.35 35.16 10.05
CA VAL D 51 33.07 36.36 10.83
C VAL D 51 32.85 35.97 12.30
N GLY D 52 33.96 35.84 13.02
CA GLY D 52 33.91 35.46 14.42
C GLY D 52 32.86 34.41 14.68
N PRO D 53 31.79 34.77 15.40
CA PRO D 53 30.68 33.88 15.72
C PRO D 53 29.48 34.19 14.82
N ALA D 54 28.89 33.16 14.21
CA ALA D 54 27.75 33.36 13.34
C ALA D 54 26.61 32.42 13.69
N LYS D 55 25.40 32.81 13.29
CA LYS D 55 24.21 32.02 13.54
C LYS D 55 23.81 31.35 12.23
N VAL D 56 23.60 30.04 12.27
CA VAL D 56 23.21 29.28 11.09
C VAL D 56 21.91 28.53 11.27
N ILE D 57 20.97 28.73 10.35
CA ILE D 57 19.71 28.02 10.41
C ILE D 57 19.58 27.21 9.12
N VAL D 58 18.78 26.15 9.18
CA VAL D 58 18.52 25.33 8.00
C VAL D 58 17.04 25.01 7.99
N GLN D 59 16.41 25.23 6.86
CA GLN D 59 14.99 24.94 6.76
C GLN D 59 14.72 24.01 5.59
N LEU D 60 13.52 23.48 5.57
CA LEU D 60 13.13 22.58 4.51
C LEU D 60 12.39 23.42 3.49
N VAL D 61 12.72 23.20 2.22
CA VAL D 61 12.09 23.93 1.13
C VAL D 61 11.70 22.97 0.00
N THR D 62 10.80 23.40 -0.87
CA THR D 62 10.33 22.55 -1.97
C THR D 62 11.42 22.33 -3.00
N ASN D 63 11.12 21.49 -3.98
CA ASN D 63 12.07 21.16 -5.06
C ASN D 63 11.53 21.66 -6.41
N GLY D 64 10.52 22.53 -6.36
CA GLY D 64 9.96 23.07 -7.59
C GLY D 64 10.77 24.24 -8.11
N LYS D 65 10.39 24.76 -9.29
CA LYS D 65 11.10 25.87 -9.89
C LYS D 65 11.16 27.03 -8.90
N ASN D 66 10.02 27.36 -8.33
CA ASN D 66 9.95 28.44 -7.34
C ASN D 66 10.15 27.81 -5.97
N ILE D 67 11.37 27.91 -5.45
CA ILE D 67 11.66 27.34 -4.14
C ILE D 67 10.75 27.98 -3.08
N HIS D 68 10.02 27.14 -2.35
CA HIS D 68 9.12 27.61 -1.30
C HIS D 68 9.38 26.85 -0.01
N LEU D 69 8.67 27.20 1.06
CA LEU D 69 8.82 26.51 2.32
C LEU D 69 8.10 25.17 2.21
N HIS D 70 8.70 24.12 2.74
CA HIS D 70 8.06 22.83 2.68
C HIS D 70 7.24 22.62 3.94
N ALA D 71 6.28 21.72 3.87
CA ALA D 71 5.40 21.44 5.00
C ALA D 71 5.99 20.47 6.02
N HIS D 72 6.89 19.58 5.58
CA HIS D 72 7.47 18.64 6.53
C HIS D 72 8.33 19.49 7.48
N SER D 73 8.92 18.87 8.49
CA SER D 73 9.74 19.63 9.45
C SER D 73 10.97 18.89 9.93
N LEU D 74 12.04 19.65 10.15
CA LEU D 74 13.29 19.09 10.64
C LEU D 74 13.15 18.89 12.15
N VAL D 75 13.50 17.70 12.61
CA VAL D 75 13.42 17.42 14.03
C VAL D 75 14.71 16.80 14.51
N GLY D 76 14.89 16.81 15.82
CA GLY D 76 16.10 16.28 16.44
C GLY D 76 16.64 17.37 17.33
N LYS D 77 17.79 17.15 17.95
CA LYS D 77 18.35 18.20 18.80
C LYS D 77 18.79 19.32 17.90
N HIS D 78 18.57 20.54 18.34
CA HIS D 78 18.92 21.76 17.61
C HIS D 78 17.77 22.25 16.73
N CYS D 79 16.63 21.58 16.83
CA CYS D 79 15.48 21.96 16.03
C CYS D 79 14.30 22.44 16.88
N GLU D 80 13.47 23.30 16.31
CA GLU D 80 12.31 23.81 17.01
C GLU D 80 11.37 24.43 15.98
N ASP D 81 10.11 24.04 16.05
CA ASP D 81 9.08 24.53 15.16
C ASP D 81 9.44 24.37 13.68
N GLY D 82 10.20 23.31 13.37
CA GLY D 82 10.55 23.05 11.98
C GLY D 82 11.91 23.48 11.48
N VAL D 83 12.49 24.51 12.07
CA VAL D 83 13.80 24.98 11.64
C VAL D 83 14.90 24.57 12.62
N CYS D 84 16.02 24.09 12.08
CA CYS D 84 17.15 23.68 12.91
C CYS D 84 18.06 24.90 13.09
N THR D 85 18.58 25.08 14.30
CA THR D 85 19.45 26.23 14.57
C THR D 85 20.74 25.86 15.29
N VAL D 86 21.85 26.34 14.75
CA VAL D 86 23.16 26.10 15.33
C VAL D 86 23.89 27.43 15.36
N THR D 87 25.17 27.41 15.75
CA THR D 87 25.97 28.62 15.81
C THR D 87 27.44 28.26 15.94
N ALA D 88 28.25 28.64 14.95
CA ALA D 88 29.68 28.36 15.00
C ALA D 88 30.39 29.64 15.39
N GLY D 89 30.75 29.76 16.67
CA GLY D 89 31.42 30.95 17.14
C GLY D 89 32.90 30.84 17.47
N PRO D 90 33.45 29.62 17.52
CA PRO D 90 34.88 29.54 17.83
C PRO D 90 35.71 30.01 16.65
N LYS D 91 36.91 29.46 16.53
CA LYS D 91 37.77 29.78 15.41
C LYS D 91 37.41 28.70 14.41
N ASP D 92 36.42 27.89 14.79
CA ASP D 92 35.95 26.82 13.94
C ASP D 92 34.71 27.23 13.19
N MET D 93 34.81 27.20 11.86
CA MET D 93 33.73 27.61 10.98
C MET D 93 33.03 26.46 10.29
N VAL D 94 33.36 25.23 10.67
CA VAL D 94 32.74 24.07 10.04
C VAL D 94 31.76 23.33 10.92
N VAL D 95 30.47 23.60 10.72
CA VAL D 95 29.42 22.93 11.48
C VAL D 95 28.81 21.76 10.72
N GLY D 96 28.43 20.73 11.46
CA GLY D 96 27.84 19.55 10.86
C GLY D 96 26.51 19.27 11.51
N PHE D 97 25.57 18.77 10.73
CA PHE D 97 24.26 18.47 11.29
C PHE D 97 24.08 16.97 11.32
N ALA D 98 24.02 16.43 12.52
CA ALA D 98 23.85 15.02 12.67
C ALA D 98 22.55 14.73 13.37
N ASN D 99 22.12 13.47 13.31
CA ASN D 99 20.90 13.06 13.95
C ASN D 99 19.71 13.92 13.53
N LEU D 100 19.62 14.23 12.25
CA LEU D 100 18.49 15.01 11.74
C LEU D 100 17.39 14.07 11.26
N GLY D 101 16.16 14.49 11.45
CA GLY D 101 15.04 13.67 11.01
C GLY D 101 14.01 14.50 10.28
N ILE D 102 13.48 13.95 9.20
CA ILE D 102 12.49 14.66 8.43
C ILE D 102 11.11 14.14 8.78
N LEU D 103 10.33 14.98 9.46
CA LEU D 103 8.99 14.62 9.89
C LEU D 103 8.00 14.73 8.74
N HIS D 104 7.30 13.64 8.46
CA HIS D 104 6.32 13.59 7.38
C HIS D 104 4.94 14.03 7.84
N VAL D 105 4.57 15.25 7.50
CA VAL D 105 3.25 15.78 7.88
C VAL D 105 2.19 15.04 7.08
N THR D 106 0.92 15.18 7.43
CA THR D 106 -0.11 14.49 6.68
C THR D 106 -0.77 15.42 5.66
N LYS D 107 -1.25 14.86 4.56
CA LYS D 107 -1.87 15.69 3.53
C LYS D 107 -2.91 16.62 4.11
N LYS D 108 -3.71 16.10 5.04
CA LYS D 108 -4.76 16.92 5.64
C LYS D 108 -4.27 17.80 6.76
N LYS D 109 -2.98 18.10 6.75
CA LYS D 109 -2.41 18.94 7.79
C LYS D 109 -1.37 19.86 7.15
N VAL D 110 -1.27 19.77 5.83
CA VAL D 110 -0.33 20.56 5.04
C VAL D 110 -0.58 22.06 5.15
N PHE D 111 -1.82 22.48 4.88
CA PHE D 111 -2.18 23.88 4.94
C PHE D 111 -1.94 24.47 6.33
N GLU D 112 -2.57 23.87 7.33
CA GLU D 112 -2.41 24.37 8.69
C GLU D 112 -0.92 24.54 8.97
N THR D 113 -0.16 23.46 8.87
CA THR D 113 1.28 23.53 9.12
C THR D 113 2.01 24.51 8.22
N LEU D 114 1.70 24.51 6.93
CA LEU D 114 2.39 25.42 6.02
C LEU D 114 2.23 26.87 6.41
N GLU D 115 0.99 27.33 6.56
CA GLU D 115 0.72 28.71 6.93
C GLU D 115 1.50 29.10 8.19
N ALA D 116 1.26 28.40 9.28
CA ALA D 116 1.95 28.69 10.53
C ALA D 116 3.47 28.69 10.34
N ARG D 117 3.91 28.08 9.24
CA ARG D 117 5.33 28.01 8.96
C ARG D 117 5.77 29.24 8.16
N MET D 118 4.84 29.83 7.42
CA MET D 118 5.14 31.01 6.62
C MET D 118 5.25 32.27 7.51
N THR D 119 4.34 32.38 8.48
CA THR D 119 4.35 33.53 9.37
C THR D 119 5.58 33.50 10.27
N GLU D 120 5.76 32.40 10.99
CA GLU D 120 6.91 32.26 11.88
C GLU D 120 8.17 32.72 11.15
N ALA D 121 8.16 32.60 9.83
CA ALA D 121 9.29 33.02 9.02
C ALA D 121 9.31 34.54 8.90
N CYS D 122 8.17 35.13 8.53
CA CYS D 122 8.08 36.58 8.41
C CYS D 122 8.45 37.25 9.73
N ILE D 123 7.99 36.69 10.83
CA ILE D 123 8.30 37.23 12.14
C ILE D 123 9.81 37.21 12.32
N ARG D 124 10.37 36.00 12.45
CA ARG D 124 11.82 35.85 12.64
C ARG D 124 12.55 36.51 11.47
N GLY D 125 11.80 36.82 10.42
CA GLY D 125 12.39 37.46 9.25
C GLY D 125 13.39 36.55 8.60
N TYR D 126 13.05 35.27 8.50
CA TYR D 126 13.93 34.27 7.92
C TYR D 126 13.65 33.95 6.44
N ASN D 127 14.21 34.77 5.57
CA ASN D 127 14.08 34.60 4.13
C ASN D 127 12.71 34.60 3.45
N PRO D 128 11.83 35.55 3.80
CA PRO D 128 10.53 35.52 3.11
C PRO D 128 10.72 35.93 1.65
N GLY D 129 11.96 35.87 1.19
CA GLY D 129 12.28 36.18 -0.19
C GLY D 129 12.05 34.90 -0.98
N LEU D 130 10.94 34.89 -1.70
CA LEU D 130 10.50 33.76 -2.51
C LEU D 130 9.86 32.71 -1.62
N LEU D 131 10.51 32.41 -0.49
CA LEU D 131 9.95 31.40 0.40
C LEU D 131 8.46 31.60 0.66
N VAL D 132 8.01 32.84 0.66
CA VAL D 132 6.60 33.12 0.89
C VAL D 132 6.05 34.14 -0.10
N HIS D 133 6.26 35.42 0.21
CA HIS D 133 5.77 36.51 -0.63
C HIS D 133 6.93 37.31 -1.21
N SER D 134 6.87 37.59 -2.51
CA SER D 134 7.92 38.34 -3.19
C SER D 134 8.15 39.72 -2.59
N ASP D 135 7.09 40.52 -2.51
CA ASP D 135 7.24 41.87 -1.95
C ASP D 135 7.13 41.88 -0.43
N LEU D 136 7.21 40.70 0.18
CA LEU D 136 7.14 40.62 1.63
C LEU D 136 8.59 40.54 2.14
N ALA D 137 9.51 41.01 1.29
CA ALA D 137 10.93 41.01 1.58
C ALA D 137 11.25 41.77 2.87
N TYR D 138 10.26 42.53 3.33
CA TYR D 138 10.38 43.33 4.54
C TYR D 138 11.15 42.58 5.62
N LEU D 139 11.95 43.32 6.38
CA LEU D 139 12.75 42.72 7.44
C LEU D 139 13.51 41.50 6.95
N GLN D 140 14.72 41.73 6.44
CA GLN D 140 15.56 40.64 5.93
C GLN D 140 16.18 39.86 7.09
N ALA D 141 15.79 40.26 8.31
CA ALA D 141 16.26 39.65 9.56
C ALA D 141 15.91 40.58 10.72
N GLU D 142 15.62 41.84 10.38
CA GLU D 142 15.25 42.84 11.37
C GLU D 142 13.75 42.71 11.61
N GLY D 143 13.27 41.47 11.58
CA GLY D 143 11.87 41.18 11.79
C GLY D 143 11.46 41.49 13.22
N GLY D 144 12.45 41.58 14.10
CA GLY D 144 12.19 41.90 15.49
C GLY D 144 11.68 40.75 16.35
N GLY D 145 12.32 40.54 17.49
CA GLY D 145 11.93 39.48 18.40
C GLY D 145 10.48 39.67 18.81
N ASP D 146 9.61 38.77 18.37
CA ASP D 146 8.19 38.83 18.68
C ASP D 146 7.52 40.13 18.20
N ARG D 147 8.04 40.68 17.09
CA ARG D 147 7.49 41.89 16.51
C ARG D 147 6.32 41.44 15.63
N GLN D 148 5.11 41.81 16.03
CA GLN D 148 3.90 41.41 15.30
C GLN D 148 3.81 41.86 13.85
N LEU D 149 2.93 41.18 13.11
CA LEU D 149 2.70 41.46 11.71
C LEU D 149 1.37 42.20 11.58
N THR D 150 0.99 42.53 10.36
CA THR D 150 -0.25 43.23 10.10
C THR D 150 -1.12 42.46 9.11
N ASP D 151 -2.12 43.13 8.53
CA ASP D 151 -3.02 42.50 7.58
C ASP D 151 -2.63 42.85 6.14
N ARG D 152 -1.52 43.56 5.99
CA ARG D 152 -1.05 43.95 4.67
C ARG D 152 -0.18 42.86 4.09
N GLU D 153 -0.05 41.77 4.84
CA GLU D 153 0.76 40.63 4.41
C GLU D 153 0.10 39.28 4.73
N LYS D 154 -0.60 39.21 5.86
CA LYS D 154 -1.28 37.98 6.25
C LYS D 154 -2.31 37.58 5.21
N GLU D 155 -3.02 38.56 4.67
CA GLU D 155 -4.02 38.30 3.64
C GLU D 155 -3.25 37.94 2.36
N ILE D 156 -1.99 38.34 2.33
CA ILE D 156 -1.11 38.07 1.20
C ILE D 156 -0.53 36.67 1.40
N ILE D 157 -0.24 36.35 2.65
CA ILE D 157 0.29 35.04 3.01
C ILE D 157 -0.69 33.98 2.52
N ARG D 158 -1.89 34.00 3.11
CA ARG D 158 -2.94 33.06 2.76
C ARG D 158 -3.02 32.76 1.27
N GLN D 159 -3.07 33.81 0.46
CA GLN D 159 -3.15 33.63 -0.98
C GLN D 159 -1.96 32.82 -1.51
N ALA D 160 -0.93 32.70 -0.68
CA ALA D 160 0.27 31.94 -1.03
C ALA D 160 0.18 30.52 -0.45
N ALA D 161 0.06 30.43 0.86
CA ALA D 161 -0.05 29.14 1.54
C ALA D 161 -1.22 28.32 0.98
N VAL D 162 -2.08 28.98 0.21
CA VAL D 162 -3.23 28.31 -0.38
C VAL D 162 -2.84 27.65 -1.69
N GLN D 163 -2.37 28.45 -2.64
CA GLN D 163 -1.98 27.94 -3.96
C GLN D 163 -0.82 26.94 -3.85
N GLN D 164 0.08 27.17 -2.90
CA GLN D 164 1.23 26.31 -2.69
C GLN D 164 0.85 24.96 -2.12
N THR D 165 -0.12 24.93 -1.20
CA THR D 165 -0.57 23.67 -0.61
C THR D 165 -0.98 22.66 -1.68
N LYS D 166 -1.34 23.15 -2.86
CA LYS D 166 -1.77 22.26 -3.92
C LYS D 166 -0.62 21.71 -4.75
N GLU D 167 0.46 22.47 -4.84
CA GLU D 167 1.63 22.04 -5.63
C GLU D 167 2.74 21.37 -4.82
N MET D 168 2.50 21.12 -3.54
CA MET D 168 3.53 20.49 -2.71
C MET D 168 3.71 18.99 -2.95
N ASP D 169 4.97 18.58 -3.13
CA ASP D 169 5.31 17.16 -3.35
C ASP D 169 5.85 16.54 -2.05
N LEU D 170 4.95 15.98 -1.24
CA LEU D 170 5.31 15.36 0.03
C LEU D 170 6.30 14.22 -0.10
N SER D 171 6.79 14.00 -1.31
CA SER D 171 7.72 12.90 -1.59
C SER D 171 9.18 13.35 -1.61
N VAL D 172 9.41 14.65 -1.75
CA VAL D 172 10.78 15.16 -1.81
C VAL D 172 10.93 16.55 -1.19
N VAL D 173 12.08 16.80 -0.57
CA VAL D 173 12.39 18.09 0.06
C VAL D 173 13.84 18.49 -0.21
N ARG D 174 14.20 19.69 0.22
CA ARG D 174 15.55 20.18 0.07
C ARG D 174 15.93 21.04 1.26
N LEU D 175 17.18 20.92 1.69
CA LEU D 175 17.68 21.67 2.82
C LEU D 175 18.21 23.02 2.38
N MET D 176 17.83 24.07 3.11
CA MET D 176 18.34 25.39 2.75
C MET D 176 19.07 26.00 3.95
N PHE D 177 20.36 26.25 3.76
CA PHE D 177 21.19 26.83 4.81
C PHE D 177 21.27 28.35 4.70
N THR D 178 21.13 29.02 5.84
CA THR D 178 21.20 30.47 5.89
C THR D 178 22.06 30.87 7.06
N ALA D 179 23.02 31.76 6.81
CA ALA D 179 23.91 32.21 7.86
C ALA D 179 23.68 33.67 8.17
N PHE D 180 23.88 34.01 9.44
CA PHE D 180 23.72 35.37 9.92
C PHE D 180 24.97 35.79 10.68
N LEU D 181 25.41 37.02 10.48
CA LEU D 181 26.60 37.52 11.14
C LEU D 181 26.29 38.66 12.08
N PRO D 182 27.19 38.91 13.06
CA PRO D 182 27.04 39.98 14.05
C PRO D 182 27.14 41.34 13.37
N ASP D 183 26.12 42.19 13.53
CA ASP D 183 26.16 43.50 12.91
C ASP D 183 25.83 44.59 13.92
N SER D 184 26.63 45.66 13.90
CA SER D 184 26.48 46.79 14.81
C SER D 184 26.31 46.30 16.24
N THR D 185 27.15 45.34 16.63
CA THR D 185 27.11 44.77 17.97
C THR D 185 25.71 44.25 18.27
N GLY D 186 25.55 43.64 19.44
CA GLY D 186 24.26 43.11 19.82
C GLY D 186 24.08 41.66 19.40
N SER D 187 23.61 41.44 18.18
CA SER D 187 23.40 40.07 17.72
C SER D 187 23.64 39.81 16.23
N PHE D 188 22.84 38.90 15.68
CA PHE D 188 22.95 38.50 14.29
C PHE D 188 21.80 38.97 13.42
N THR D 189 22.11 39.77 12.40
CA THR D 189 21.08 40.28 11.49
C THR D 189 21.63 40.46 10.08
N ARG D 190 22.93 40.28 9.91
CA ARG D 190 23.55 40.42 8.62
C ARG D 190 23.48 39.08 7.88
N ARG D 191 22.43 38.91 7.07
CA ARG D 191 22.20 37.68 6.32
C ARG D 191 23.20 37.46 5.18
N LEU D 192 23.73 36.24 5.08
CA LEU D 192 24.73 35.90 4.07
C LEU D 192 24.32 35.24 2.76
N GLU D 193 23.08 35.38 2.32
CA GLU D 193 22.68 34.80 1.04
C GLU D 193 22.67 33.28 1.16
N PRO D 194 21.47 32.70 1.32
CA PRO D 194 21.21 31.26 1.47
C PRO D 194 21.66 30.32 0.35
N VAL D 195 21.81 29.05 0.71
CA VAL D 195 22.23 28.00 -0.22
C VAL D 195 21.37 26.75 -0.06
N VAL D 196 20.99 26.18 -1.20
CA VAL D 196 20.14 25.00 -1.23
C VAL D 196 20.91 23.73 -1.55
N SER D 197 20.57 22.67 -0.83
CA SER D 197 21.23 21.38 -0.99
C SER D 197 20.58 20.54 -2.09
N ASP D 198 21.18 19.38 -2.35
CA ASP D 198 20.64 18.45 -3.32
C ASP D 198 19.26 18.07 -2.78
N ALA D 199 18.41 17.50 -3.65
CA ALA D 199 17.09 17.08 -3.21
C ALA D 199 17.24 15.79 -2.41
N ILE D 200 16.33 15.57 -1.47
CA ILE D 200 16.35 14.36 -0.67
C ILE D 200 15.06 13.61 -0.97
N TYR D 201 15.18 12.32 -1.28
CA TYR D 201 14.02 11.50 -1.64
C TYR D 201 13.59 10.52 -0.56
N ASP D 202 12.31 10.57 -0.22
CA ASP D 202 11.73 9.69 0.81
C ASP D 202 11.72 8.24 0.31
N SER D 203 12.45 7.35 0.98
CA SER D 203 12.52 5.95 0.55
C SER D 203 11.21 5.17 0.62
N LYS D 204 10.28 5.58 1.47
CA LYS D 204 9.00 4.89 1.60
C LYS D 204 7.99 5.28 0.53
N ALA D 205 8.39 6.23 -0.33
CA ALA D 205 7.52 6.66 -1.40
C ALA D 205 7.68 5.69 -2.56
N PRO D 206 6.56 5.26 -3.15
CA PRO D 206 6.54 4.32 -4.28
C PRO D 206 7.41 4.79 -5.46
N ASN D 207 7.45 6.09 -5.69
CA ASN D 207 8.22 6.63 -6.80
C ASN D 207 9.69 6.86 -6.49
N ALA D 208 10.19 6.24 -5.44
CA ALA D 208 11.59 6.41 -5.06
C ALA D 208 12.11 5.25 -4.26
N SER D 209 11.33 4.17 -4.18
CA SER D 209 11.75 3.01 -3.44
C SER D 209 12.99 2.41 -4.12
N ASN D 210 13.63 1.47 -3.44
CA ASN D 210 14.81 0.83 -3.98
C ASN D 210 14.40 -0.10 -5.13
N LEU D 211 15.02 0.07 -6.30
CA LEU D 211 14.73 -0.78 -7.45
C LEU D 211 15.61 -2.00 -7.28
N LYS D 212 15.06 -3.18 -7.51
CA LYS D 212 15.83 -4.40 -7.31
C LYS D 212 15.26 -5.63 -7.99
N ILE D 213 16.14 -6.55 -8.37
CA ILE D 213 15.68 -7.77 -9.00
C ILE D 213 16.03 -8.93 -8.06
N VAL D 214 15.01 -9.42 -7.35
CA VAL D 214 15.19 -10.50 -6.40
C VAL D 214 15.39 -11.85 -7.07
N ARG D 215 14.61 -12.14 -8.10
CA ARG D 215 14.76 -13.43 -8.75
C ARG D 215 14.22 -13.48 -10.18
N MET D 216 14.70 -14.43 -10.97
CA MET D 216 14.24 -14.60 -12.36
C MET D 216 14.14 -16.08 -12.63
N ASP D 217 13.05 -16.48 -13.28
CA ASP D 217 12.86 -17.88 -13.56
C ASP D 217 13.85 -18.35 -14.60
N ARG D 218 14.30 -17.44 -15.44
CA ARG D 218 15.21 -17.82 -16.50
C ARG D 218 16.27 -16.73 -16.66
N THR D 219 17.52 -17.11 -16.90
CA THR D 219 18.57 -16.09 -17.09
C THR D 219 19.22 -16.14 -18.46
N ALA D 220 18.60 -16.89 -19.38
CA ALA D 220 19.12 -17.03 -20.73
C ALA D 220 17.99 -17.09 -21.73
N GLY D 221 18.28 -16.75 -22.97
CA GLY D 221 17.25 -16.75 -23.99
C GLY D 221 17.84 -16.69 -25.39
N CYS D 222 17.01 -17.01 -26.37
CA CYS D 222 17.45 -16.98 -27.76
C CYS D 222 17.63 -15.55 -28.28
N VAL D 223 18.66 -15.34 -29.11
CA VAL D 223 18.90 -14.00 -29.68
C VAL D 223 17.68 -13.51 -30.44
N THR D 224 16.86 -14.45 -30.90
CA THR D 224 15.63 -14.13 -31.62
C THR D 224 14.72 -13.25 -30.78
N GLY D 225 14.74 -13.48 -29.47
CA GLY D 225 13.89 -12.70 -28.58
C GLY D 225 12.48 -13.24 -28.55
N GLY D 226 11.60 -12.50 -27.86
CA GLY D 226 10.20 -12.91 -27.76
C GLY D 226 9.92 -14.04 -26.78
N GLU D 227 10.89 -14.38 -25.92
CA GLU D 227 10.68 -15.45 -24.95
C GLU D 227 10.22 -14.90 -23.60
N GLU D 228 9.15 -15.50 -23.07
CA GLU D 228 8.57 -15.09 -21.80
C GLU D 228 9.44 -15.39 -20.59
N ILE D 229 9.50 -14.42 -19.67
CA ILE D 229 10.27 -14.52 -18.44
C ILE D 229 9.57 -13.86 -17.26
N TYR D 230 9.67 -14.49 -16.09
CA TYR D 230 9.07 -13.96 -14.87
C TYR D 230 10.17 -13.34 -14.04
N LEU D 231 9.94 -12.11 -13.61
CA LEU D 231 10.91 -11.37 -12.81
C LEU D 231 10.28 -10.98 -11.48
N LEU D 232 10.88 -11.44 -10.40
CA LEU D 232 10.36 -11.11 -9.06
C LEU D 232 11.15 -9.92 -8.54
N CYS D 233 10.44 -8.84 -8.24
CA CYS D 233 11.08 -7.60 -7.77
C CYS D 233 10.42 -6.92 -6.57
N ASP D 234 11.09 -5.89 -6.08
CA ASP D 234 10.57 -5.09 -4.97
C ASP D 234 9.56 -4.13 -5.56
N LYS D 235 8.71 -3.55 -4.71
CA LYS D 235 7.67 -2.64 -5.14
C LYS D 235 8.08 -1.70 -6.27
N VAL D 236 7.26 -1.68 -7.32
CA VAL D 236 7.49 -0.81 -8.46
C VAL D 236 6.12 -0.36 -8.93
N GLN D 237 6.10 0.66 -9.77
CA GLN D 237 4.87 1.17 -10.34
C GLN D 237 4.77 0.70 -11.80
N LYS D 238 3.66 0.07 -12.15
CA LYS D 238 3.49 -0.46 -13.49
C LYS D 238 3.61 0.53 -14.63
N ASP D 239 3.07 1.72 -14.44
CA ASP D 239 3.10 2.74 -15.49
C ASP D 239 4.42 3.52 -15.55
N ASP D 240 5.35 3.20 -14.66
CA ASP D 240 6.63 3.91 -14.61
C ASP D 240 7.86 3.00 -14.44
N ILE D 241 7.76 1.77 -14.95
CA ILE D 241 8.87 0.83 -14.85
C ILE D 241 9.12 0.18 -16.20
N GLN D 242 10.38 -0.20 -16.43
CA GLN D 242 10.81 -0.84 -17.66
C GLN D 242 12.04 -1.71 -17.39
N ILE D 243 12.20 -2.78 -18.17
CA ILE D 243 13.35 -3.68 -18.04
C ILE D 243 14.33 -3.34 -19.17
N ARG D 244 15.57 -3.04 -18.80
CA ARG D 244 16.57 -2.71 -19.80
C ARG D 244 17.73 -3.69 -19.92
N PHE D 245 17.80 -4.35 -21.08
CA PHE D 245 18.92 -5.26 -21.33
C PHE D 245 19.93 -4.34 -22.03
N TYR D 246 21.21 -4.51 -21.76
CA TYR D 246 22.22 -3.69 -22.42
C TYR D 246 23.58 -4.34 -22.43
N GLU D 247 24.38 -3.97 -23.42
CA GLU D 247 25.73 -4.50 -23.57
C GLU D 247 26.69 -3.36 -23.89
N GLU D 248 27.78 -3.28 -23.14
CA GLU D 248 28.78 -2.25 -23.36
C GLU D 248 29.77 -2.75 -24.41
N GLU D 249 30.04 -1.92 -25.41
CA GLU D 249 30.96 -2.31 -26.48
C GLU D 249 32.44 -2.05 -26.13
N GLU D 250 33.25 -1.81 -27.17
CA GLU D 250 34.68 -1.55 -26.98
C GLU D 250 34.97 -0.11 -27.41
N ASN D 251 34.08 0.41 -28.25
CA ASN D 251 34.20 1.76 -28.75
C ASN D 251 33.41 2.71 -27.87
N GLY D 252 33.32 2.38 -26.58
CA GLY D 252 32.58 3.22 -25.65
C GLY D 252 31.11 3.28 -25.99
N GLY D 253 30.66 2.37 -26.86
CA GLY D 253 29.26 2.33 -27.25
C GLY D 253 28.44 1.39 -26.40
N VAL D 254 27.12 1.53 -26.50
CA VAL D 254 26.20 0.69 -25.73
C VAL D 254 24.95 0.31 -26.49
N TRP D 255 24.65 -0.99 -26.49
CA TRP D 255 23.45 -1.48 -27.14
C TRP D 255 22.43 -1.75 -26.04
N GLU D 256 21.16 -1.53 -26.34
CA GLU D 256 20.13 -1.76 -25.36
C GLU D 256 18.86 -2.32 -25.94
N GLY D 257 18.15 -3.06 -25.11
CA GLY D 257 16.88 -3.67 -25.50
C GLY D 257 15.98 -3.57 -24.29
N PHE D 258 14.68 -3.58 -24.51
CA PHE D 258 13.75 -3.47 -23.41
C PHE D 258 12.71 -4.58 -23.39
N GLY D 259 12.56 -5.22 -22.24
CA GLY D 259 11.55 -6.25 -22.13
C GLY D 259 10.24 -5.66 -22.63
N ASP D 260 9.43 -6.49 -23.29
CA ASP D 260 8.16 -6.04 -23.81
C ASP D 260 7.07 -6.49 -22.86
N PHE D 261 6.18 -5.58 -22.51
CA PHE D 261 5.08 -5.92 -21.61
C PHE D 261 4.13 -4.76 -21.40
N SER D 262 2.97 -5.06 -20.84
CA SER D 262 1.97 -4.04 -20.56
C SER D 262 1.81 -3.96 -19.04
N PRO D 263 1.21 -2.87 -18.54
CA PRO D 263 1.02 -2.72 -17.09
C PRO D 263 0.30 -3.92 -16.51
N THR D 264 -0.69 -4.41 -17.24
CA THR D 264 -1.43 -5.57 -16.78
C THR D 264 -0.49 -6.76 -16.58
N ASP D 265 0.75 -6.64 -17.06
CA ASP D 265 1.71 -7.73 -16.88
C ASP D 265 2.50 -7.61 -15.59
N VAL D 266 2.13 -6.65 -14.75
CA VAL D 266 2.82 -6.43 -13.48
C VAL D 266 1.92 -6.91 -12.33
N HIS D 267 2.38 -7.93 -11.61
CA HIS D 267 1.63 -8.52 -10.50
C HIS D 267 1.79 -7.80 -9.15
N ARG D 268 0.77 -7.07 -8.74
CA ARG D 268 0.80 -6.37 -7.46
C ARG D 268 2.12 -5.67 -7.13
N GLN D 269 2.70 -5.01 -8.12
CA GLN D 269 3.95 -4.25 -7.95
C GLN D 269 5.15 -5.07 -7.54
N PHE D 270 4.94 -6.36 -7.31
CA PHE D 270 6.04 -7.22 -6.87
C PHE D 270 6.55 -8.22 -7.90
N ALA D 271 6.05 -8.16 -9.12
CA ALA D 271 6.53 -9.08 -10.15
C ALA D 271 6.11 -8.65 -11.54
N ILE D 272 6.96 -8.93 -12.51
CA ILE D 272 6.68 -8.58 -13.92
C ILE D 272 6.89 -9.74 -14.89
N VAL D 273 5.95 -9.91 -15.80
CA VAL D 273 6.04 -10.94 -16.83
C VAL D 273 6.25 -10.22 -18.16
N PHE D 274 7.43 -10.40 -18.75
CA PHE D 274 7.72 -9.74 -20.02
C PHE D 274 8.23 -10.74 -21.03
N LYS D 275 8.44 -10.26 -22.24
CA LYS D 275 8.97 -11.06 -23.34
C LYS D 275 10.30 -10.37 -23.65
N THR D 276 11.34 -11.16 -23.83
CA THR D 276 12.67 -10.66 -24.11
C THR D 276 12.78 -9.91 -25.46
N PRO D 277 13.77 -9.02 -25.57
CA PRO D 277 13.93 -8.28 -26.84
C PRO D 277 14.91 -9.04 -27.75
N LYS D 278 14.93 -8.69 -29.03
CA LYS D 278 15.85 -9.32 -29.95
C LYS D 278 17.23 -8.82 -29.57
N TYR D 279 18.23 -9.68 -29.66
CA TYR D 279 19.58 -9.26 -29.36
C TYR D 279 20.12 -8.43 -30.56
N LYS D 280 21.23 -7.74 -30.33
CA LYS D 280 21.91 -6.92 -31.35
C LYS D 280 21.93 -7.63 -32.71
N ASP D 281 22.76 -8.66 -32.84
CA ASP D 281 22.81 -9.43 -34.09
C ASP D 281 22.35 -10.87 -33.88
N VAL D 282 21.25 -11.21 -34.53
CA VAL D 282 20.65 -12.54 -34.42
C VAL D 282 21.41 -13.60 -35.22
N ASN D 283 22.70 -13.36 -35.46
CA ASN D 283 23.53 -14.29 -36.23
C ASN D 283 24.79 -14.75 -35.50
N ILE D 284 24.85 -14.54 -34.19
CA ILE D 284 26.02 -14.95 -33.43
C ILE D 284 26.14 -16.46 -33.43
N THR D 285 27.34 -16.95 -33.18
CA THR D 285 27.59 -18.38 -33.16
C THR D 285 27.75 -18.90 -31.75
N LYS D 286 28.38 -18.11 -30.90
CA LYS D 286 28.60 -18.51 -29.52
C LYS D 286 27.70 -17.68 -28.63
N PRO D 287 27.50 -18.10 -27.37
CA PRO D 287 26.63 -17.32 -26.49
C PRO D 287 27.29 -15.97 -26.14
N ALA D 288 26.48 -14.91 -26.10
CA ALA D 288 26.94 -13.56 -25.75
C ALA D 288 26.36 -13.08 -24.40
N SER D 289 27.23 -12.91 -23.41
CA SER D 289 26.80 -12.44 -22.09
C SER D 289 26.44 -10.97 -22.13
N VAL D 290 25.36 -10.62 -21.44
CA VAL D 290 24.87 -9.24 -21.38
C VAL D 290 24.34 -8.97 -19.96
N PHE D 291 23.70 -7.81 -19.76
CA PHE D 291 23.12 -7.44 -18.46
C PHE D 291 21.67 -7.00 -18.59
N VAL D 292 20.91 -7.23 -17.52
CA VAL D 292 19.51 -6.83 -17.47
C VAL D 292 19.37 -5.96 -16.21
N GLN D 293 18.47 -4.99 -16.25
CA GLN D 293 18.27 -4.12 -15.09
C GLN D 293 16.91 -3.45 -15.14
N LEU D 294 16.36 -3.14 -13.97
CA LEU D 294 15.10 -2.44 -13.90
C LEU D 294 15.44 -0.95 -13.99
N ARG D 295 14.52 -0.17 -14.54
CA ARG D 295 14.72 1.26 -14.65
C ARG D 295 13.38 1.97 -14.55
N ARG D 296 13.37 3.06 -13.79
CA ARG D 296 12.17 3.85 -13.57
C ARG D 296 12.15 4.98 -14.60
N LYS D 297 11.13 4.98 -15.46
CA LYS D 297 11.01 5.99 -16.51
C LYS D 297 11.21 7.43 -16.00
N SER D 298 10.53 7.75 -14.91
CA SER D 298 10.57 9.06 -14.29
C SER D 298 11.94 9.60 -13.87
N ASP D 299 12.60 8.93 -12.94
CA ASP D 299 13.90 9.37 -12.45
C ASP D 299 15.05 8.81 -13.28
N LEU D 300 14.72 7.87 -14.17
CA LEU D 300 15.74 7.23 -14.99
C LEU D 300 16.67 6.51 -14.02
N GLU D 301 16.14 6.29 -12.82
CA GLU D 301 16.84 5.62 -11.73
C GLU D 301 16.80 4.11 -11.96
N THR D 302 17.93 3.43 -11.85
CA THR D 302 17.98 2.00 -12.10
C THR D 302 18.41 1.11 -10.93
N SER D 303 18.45 -0.19 -11.19
CA SER D 303 18.82 -1.17 -10.18
C SER D 303 20.14 -1.84 -10.50
N GLU D 304 20.64 -2.61 -9.54
CA GLU D 304 21.88 -3.35 -9.76
C GLU D 304 21.55 -4.25 -10.94
N PRO D 305 22.56 -4.56 -11.77
CA PRO D 305 22.30 -5.41 -12.93
C PRO D 305 22.48 -6.90 -12.69
N LYS D 306 21.85 -7.70 -13.54
CA LYS D 306 21.95 -9.14 -13.47
C LYS D 306 22.35 -9.64 -14.84
N PRO D 307 23.33 -10.56 -14.90
CA PRO D 307 23.83 -11.13 -16.15
C PRO D 307 22.75 -11.94 -16.89
N PHE D 308 22.73 -11.80 -18.22
CA PHE D 308 21.78 -12.53 -19.06
C PHE D 308 22.51 -13.13 -20.26
N LEU D 309 22.29 -14.41 -20.52
CA LEU D 309 22.95 -15.08 -21.64
C LEU D 309 22.07 -15.27 -22.86
N TYR D 310 22.50 -14.70 -23.98
CA TYR D 310 21.78 -14.83 -25.24
C TYR D 310 22.49 -15.94 -26.02
N TYR D 311 21.73 -16.78 -26.71
CA TYR D 311 22.32 -17.86 -27.49
C TYR D 311 21.71 -18.03 -28.88
N PRO D 312 22.43 -18.69 -29.80
CA PRO D 312 21.99 -18.91 -31.18
C PRO D 312 20.66 -19.64 -31.41
N GLU D 313 20.12 -19.48 -32.62
CA GLU D 313 18.90 -20.15 -33.07
C GLU D 313 19.34 -21.49 -33.67
#